data_7SAF
#
_entry.id   7SAF
#
_cell.length_a   97.223
_cell.length_b   97.223
_cell.length_c   40.681
_cell.angle_alpha   90.000
_cell.angle_beta   90.000
_cell.angle_gamma   90.000
#
_symmetry.space_group_name_H-M   'P 43 21 2'
#
loop_
_entity.id
_entity.type
_entity.pdbx_description
1 polymer 'General control transcription factor GCN4/M protein chimera'
2 non-polymer 'PHOSPHATE ION'
3 water water
#
_entity_poly.entity_id   1
_entity_poly.type   'polypeptide(L)'
_entity_poly.pdbx_seq_one_letter_code
;GPGSMKQLEDKVEELLSKNYHLENEVARLKKLVSKLEKQLEEAQKDYSEIEGKLEQFWHDYDKLEKENKEY
;
_entity_poly.pdbx_strand_id   A,B
#
loop_
_chem_comp.id
_chem_comp.type
_chem_comp.name
_chem_comp.formula
PO4 non-polymer 'PHOSPHATE ION' 'O4 P -3'
#
# COMPACT_ATOMS: atom_id res chain seq x y z
N SER A 4 -0.87 -44.54 -16.14
CA SER A 4 -0.13 -43.88 -15.08
C SER A 4 0.72 -42.75 -15.67
N MET A 5 1.14 -42.92 -16.91
CA MET A 5 1.73 -41.79 -17.62
C MET A 5 0.68 -40.72 -17.87
N LYS A 6 -0.50 -41.14 -18.32
CA LYS A 6 -1.64 -40.22 -18.40
C LYS A 6 -1.87 -39.54 -17.06
N GLN A 7 -1.70 -40.28 -15.95
CA GLN A 7 -1.93 -39.69 -14.64
C GLN A 7 -0.94 -38.55 -14.39
N LEU A 8 0.34 -38.75 -14.73
CA LEU A 8 1.34 -37.71 -14.52
C LEU A 8 1.10 -36.53 -15.44
N GLU A 9 0.68 -36.77 -16.68
CA GLU A 9 0.37 -35.64 -17.55
C GLU A 9 -0.78 -34.83 -16.98
N ASP A 10 -1.84 -35.51 -16.52
CA ASP A 10 -2.91 -34.84 -15.78
C ASP A 10 -2.35 -34.03 -14.62
N LYS A 11 -1.39 -34.59 -13.90
CA LYS A 11 -0.84 -33.94 -12.72
C LYS A 11 -0.11 -32.65 -13.10
N VAL A 12 0.75 -32.71 -14.12
CA VAL A 12 1.49 -31.51 -14.50
C VAL A 12 0.53 -30.46 -15.05
N GLU A 13 -0.58 -30.88 -15.67
CA GLU A 13 -1.53 -29.89 -16.15
C GLU A 13 -2.23 -29.22 -14.96
N GLU A 14 -2.61 -30.03 -13.96
CA GLU A 14 -3.26 -29.51 -12.77
C GLU A 14 -2.36 -28.49 -12.09
N LEU A 15 -1.12 -28.89 -11.87
CA LEU A 15 -0.14 -28.00 -11.27
C LEU A 15 0.12 -26.78 -12.14
N LEU A 16 0.16 -26.93 -13.47
CA LEU A 16 0.39 -25.79 -14.34
C LEU A 16 -0.68 -24.74 -14.16
N SER A 17 -1.95 -25.15 -14.10
CA SER A 17 -3.01 -24.15 -14.00
C SER A 17 -3.05 -23.54 -12.60
N LYS A 18 -2.82 -24.34 -11.54
CA LYS A 18 -2.70 -23.76 -10.20
C LYS A 18 -1.54 -22.76 -10.13
N ASN A 19 -0.43 -23.09 -10.79
CA ASN A 19 0.73 -22.22 -10.84
C ASN A 19 0.39 -20.93 -11.54
N TYR A 20 -0.33 -21.03 -12.65
CA TYR A 20 -0.71 -19.86 -13.41
C TYR A 20 -1.54 -18.91 -12.55
N HIS A 21 -2.54 -19.45 -11.84
CA HIS A 21 -3.41 -18.60 -11.04
C HIS A 21 -2.65 -17.97 -9.87
N LEU A 22 -1.75 -18.72 -9.26
CA LEU A 22 -0.94 -18.14 -8.21
C LEU A 22 -0.12 -16.98 -8.75
N GLU A 23 0.45 -17.15 -9.94
CA GLU A 23 1.36 -16.11 -10.42
C GLU A 23 0.59 -14.89 -10.92
N ASN A 24 -0.64 -15.09 -11.39
CA ASN A 24 -1.52 -13.94 -11.64
C ASN A 24 -1.79 -13.19 -10.36
N GLU A 25 -2.09 -13.90 -9.27
CA GLU A 25 -2.34 -13.24 -7.99
C GLU A 25 -1.09 -12.52 -7.47
N VAL A 26 0.09 -13.12 -7.69
CA VAL A 26 1.33 -12.49 -7.25
C VAL A 26 1.58 -11.21 -8.02
N ALA A 27 1.28 -11.20 -9.33
CA ALA A 27 1.44 -9.98 -10.10
C ALA A 27 0.47 -8.90 -9.64
N ARG A 28 -0.77 -9.31 -9.35
CA ARG A 28 -1.80 -8.39 -8.84
C ARG A 28 -1.32 -7.73 -7.56
N LEU A 29 -0.91 -8.56 -6.60
CA LEU A 29 -0.41 -8.07 -5.31
C LEU A 29 0.85 -7.20 -5.45
N LYS A 30 1.74 -7.49 -6.41
CA LYS A 30 2.92 -6.64 -6.56
C LYS A 30 2.55 -5.27 -7.14
N LYS A 31 1.66 -5.25 -8.15
CA LYS A 31 1.15 -3.97 -8.65
C LYS A 31 0.47 -3.19 -7.53
N LEU A 32 -0.22 -3.88 -6.62
CA LEU A 32 -0.88 -3.17 -5.52
C LEU A 32 0.14 -2.65 -4.50
N VAL A 33 1.20 -3.40 -4.24
CA VAL A 33 2.27 -2.88 -3.38
C VAL A 33 2.85 -1.61 -3.96
N SER A 34 3.11 -1.59 -5.26
CA SER A 34 3.71 -0.41 -5.86
C SER A 34 2.76 0.79 -5.82
N LYS A 35 1.49 0.58 -6.19
CA LYS A 35 0.50 1.65 -6.04
C LYS A 35 0.49 2.18 -4.62
N LEU A 36 0.51 1.28 -3.63
CA LEU A 36 0.48 1.69 -2.24
C LEU A 36 1.70 2.52 -1.87
N GLU A 37 2.88 2.09 -2.30
CA GLU A 37 4.09 2.81 -1.89
C GLU A 37 4.13 4.19 -2.52
N LYS A 38 3.66 4.31 -3.76
CA LYS A 38 3.51 5.64 -4.37
C LYS A 38 2.51 6.48 -3.59
N GLN A 39 1.35 5.91 -3.24
CA GLN A 39 0.34 6.65 -2.48
C GLN A 39 0.89 7.13 -1.14
N LEU A 40 1.67 6.27 -0.48
CA LEU A 40 2.23 6.63 0.82
C LEU A 40 3.27 7.75 0.69
N GLU A 41 4.17 7.66 -0.30
CA GLU A 41 5.06 8.77 -0.60
C GLU A 41 4.27 10.08 -0.81
N GLU A 42 3.19 10.01 -1.60
CA GLU A 42 2.35 11.18 -1.84
C GLU A 42 1.78 11.73 -0.53
N ALA A 43 1.26 10.86 0.33
CA ALA A 43 0.69 11.28 1.61
C ALA A 43 1.75 11.89 2.52
N GLN A 44 2.97 11.39 2.44
CA GLN A 44 4.04 11.95 3.26
C GLN A 44 4.37 13.37 2.82
N LYS A 45 4.60 13.56 1.50
CA LYS A 45 4.85 14.90 1.00
C LYS A 45 3.71 15.83 1.37
N ASP A 46 2.46 15.38 1.17
CA ASP A 46 1.30 16.18 1.55
C ASP A 46 1.36 16.60 3.00
N TYR A 47 1.51 15.63 3.92
CA TYR A 47 1.56 15.96 5.33
C TYR A 47 2.65 17.01 5.60
N SER A 48 3.85 16.78 5.07
CA SER A 48 4.96 17.70 5.27
C SER A 48 4.63 19.09 4.76
N GLU A 49 3.88 19.15 3.66
CA GLU A 49 3.50 20.45 3.08
C GLU A 49 2.52 21.20 3.97
N ILE A 50 1.48 20.50 4.43
CA ILE A 50 0.48 21.18 5.24
C ILE A 50 1.04 21.51 6.63
N GLU A 51 2.00 20.72 7.12
CA GLU A 51 2.64 21.08 8.39
C GLU A 51 3.48 22.34 8.23
N GLY A 52 4.27 22.41 7.15
CA GLY A 52 5.01 23.64 6.87
C GLY A 52 4.09 24.84 6.76
N LYS A 53 2.92 24.63 6.15
CA LYS A 53 1.94 25.71 6.00
C LYS A 53 1.45 26.19 7.34
N LEU A 54 0.99 25.28 8.19
CA LEU A 54 0.49 25.68 9.49
C LEU A 54 1.58 26.40 10.30
N GLU A 55 2.80 25.87 10.27
CA GLU A 55 3.91 26.49 10.99
C GLU A 55 4.21 27.89 10.45
N GLN A 56 4.11 28.07 9.13
CA GLN A 56 4.41 29.37 8.54
C GLN A 56 3.35 30.39 8.90
N PHE A 57 2.07 29.99 8.88
CA PHE A 57 1.03 30.96 9.21
C PHE A 57 1.15 31.38 10.67
N TRP A 58 1.49 30.44 11.55
CA TRP A 58 1.66 30.83 12.95
C TRP A 58 2.94 31.65 13.16
N HIS A 59 3.99 31.34 12.41
CA HIS A 59 5.22 32.12 12.50
C HIS A 59 4.96 33.56 12.06
N ASP A 60 4.30 33.72 10.91
CA ASP A 60 3.87 35.03 10.47
C ASP A 60 3.03 35.73 11.52
N TYR A 61 2.01 35.03 12.04
CA TYR A 61 1.16 35.62 13.08
C TYR A 61 1.99 36.10 14.26
N ASP A 62 2.88 35.25 14.78
CA ASP A 62 3.73 35.65 15.90
C ASP A 62 4.56 36.89 15.57
N LYS A 63 4.98 37.03 14.30
CA LYS A 63 5.91 38.10 13.93
C LYS A 63 5.34 39.50 14.12
N LEU A 64 4.06 39.63 14.46
CA LEU A 64 3.45 40.95 14.54
C LEU A 64 3.49 41.56 15.94
N GLU A 65 4.25 40.97 16.86
CA GLU A 65 4.49 41.62 18.14
C GLU A 65 5.45 42.80 17.96
N PRO B 2 9.06 -44.92 -18.11
CA PRO B 2 10.12 -44.86 -17.09
C PRO B 2 10.99 -43.61 -17.20
N GLY B 3 11.83 -43.54 -18.24
CA GLY B 3 12.61 -42.34 -18.46
C GLY B 3 11.75 -41.11 -18.67
N SER B 4 10.83 -41.16 -19.65
CA SER B 4 9.86 -40.09 -19.83
C SER B 4 8.99 -39.91 -18.59
N MET B 5 8.73 -41.00 -17.87
CA MET B 5 8.05 -40.91 -16.58
C MET B 5 8.89 -40.10 -15.59
N LYS B 6 10.20 -40.33 -15.53
CA LYS B 6 11.06 -39.55 -14.64
C LYS B 6 11.15 -38.09 -15.10
N GLN B 7 11.09 -37.83 -16.40
CA GLN B 7 11.09 -36.46 -16.89
C GLN B 7 9.83 -35.73 -16.44
N LEU B 8 8.68 -36.39 -16.54
CA LEU B 8 7.46 -35.77 -16.06
C LEU B 8 7.48 -35.63 -14.53
N GLU B 9 8.09 -36.56 -13.82
CA GLU B 9 8.16 -36.41 -12.37
C GLU B 9 9.05 -35.25 -11.99
N ASP B 10 10.08 -34.99 -12.79
CA ASP B 10 10.91 -33.80 -12.58
C ASP B 10 10.09 -32.52 -12.80
N LYS B 11 9.26 -32.50 -13.87
CA LYS B 11 8.38 -31.34 -14.07
C LYS B 11 7.42 -31.16 -12.89
N VAL B 12 6.96 -32.28 -12.32
CA VAL B 12 6.03 -32.21 -11.18
C VAL B 12 6.73 -31.67 -9.94
N GLU B 13 7.91 -32.20 -9.61
CA GLU B 13 8.61 -31.66 -8.45
C GLU B 13 8.84 -30.17 -8.63
N GLU B 14 9.21 -29.75 -9.85
CA GLU B 14 9.46 -28.35 -10.14
C GLU B 14 8.22 -27.50 -9.87
N LEU B 15 7.09 -27.91 -10.46
CA LEU B 15 5.85 -27.17 -10.26
C LEU B 15 5.44 -27.15 -8.79
N LEU B 16 5.59 -28.28 -8.10
CA LEU B 16 5.15 -28.38 -6.71
C LEU B 16 5.89 -27.38 -5.84
N SER B 17 7.22 -27.32 -6.02
CA SER B 17 8.02 -26.37 -5.23
C SER B 17 7.69 -24.94 -5.61
N LYS B 18 7.60 -24.63 -6.92
CA LYS B 18 7.28 -23.24 -7.28
C LYS B 18 5.91 -22.84 -6.75
N ASN B 19 4.97 -23.78 -6.64
CA ASN B 19 3.65 -23.46 -6.14
C ASN B 19 3.68 -23.18 -4.64
N TYR B 20 4.44 -23.99 -3.89
CA TYR B 20 4.66 -23.71 -2.47
C TYR B 20 5.27 -22.31 -2.29
N HIS B 21 6.26 -21.98 -3.12
CA HIS B 21 6.91 -20.67 -2.98
C HIS B 21 5.97 -19.57 -3.38
N LEU B 22 5.13 -19.81 -4.40
CA LEU B 22 4.17 -18.81 -4.84
C LEU B 22 3.13 -18.56 -3.77
N GLU B 23 2.73 -19.61 -3.05
CA GLU B 23 1.79 -19.39 -1.97
C GLU B 23 2.44 -18.61 -0.82
N ASN B 24 3.71 -18.90 -0.55
CA ASN B 24 4.44 -18.14 0.46
C ASN B 24 4.54 -16.67 0.09
N GLU B 25 4.84 -16.39 -1.18
CA GLU B 25 4.94 -15.03 -1.67
C GLU B 25 3.58 -14.33 -1.67
N VAL B 26 2.49 -15.07 -1.93
CA VAL B 26 1.17 -14.48 -1.82
C VAL B 26 0.89 -14.07 -0.39
N ALA B 27 1.21 -14.95 0.56
CA ALA B 27 1.05 -14.63 1.97
C ALA B 27 1.90 -13.42 2.38
N ARG B 28 3.16 -13.41 1.94
CA ARG B 28 4.11 -12.35 2.29
C ARG B 28 3.66 -11.00 1.72
N LEU B 29 3.39 -10.96 0.41
CA LEU B 29 2.84 -9.78 -0.23
C LEU B 29 1.53 -9.33 0.39
N LYS B 30 0.67 -10.24 0.86
CA LYS B 30 -0.55 -9.81 1.52
C LYS B 30 -0.23 -9.09 2.81
N LYS B 31 0.67 -9.67 3.61
CA LYS B 31 1.15 -8.98 4.80
C LYS B 31 1.68 -7.59 4.46
N LEU B 32 2.51 -7.52 3.41
CA LEU B 32 3.13 -6.26 3.02
C LEU B 32 2.06 -5.26 2.64
N VAL B 33 1.05 -5.71 1.91
CA VAL B 33 -0.02 -4.82 1.48
C VAL B 33 -0.74 -4.25 2.69
N SER B 34 -1.08 -5.08 3.66
CA SER B 34 -1.82 -4.54 4.79
C SER B 34 -0.95 -3.64 5.66
N LYS B 35 0.35 -3.92 5.78
CA LYS B 35 1.24 -3.01 6.47
C LYS B 35 1.28 -1.65 5.79
N LEU B 36 1.37 -1.66 4.46
CA LEU B 36 1.35 -0.42 3.68
C LEU B 36 0.03 0.31 3.84
N GLU B 37 -1.08 -0.43 3.97
CA GLU B 37 -2.36 0.23 4.17
C GLU B 37 -2.43 0.89 5.54
N LYS B 38 -1.88 0.22 6.56
CA LYS B 38 -1.74 0.82 7.89
C LYS B 38 -0.96 2.12 7.80
N GLN B 39 0.22 2.07 7.20
CA GLN B 39 1.08 3.25 7.10
C GLN B 39 0.39 4.37 6.35
N LEU B 40 -0.28 4.03 5.24
CA LEU B 40 -1.05 5.04 4.51
C LEU B 40 -2.16 5.62 5.38
N GLU B 41 -2.93 4.78 6.05
CA GLU B 41 -4.05 5.27 6.84
C GLU B 41 -3.57 6.18 7.98
N GLU B 42 -2.39 5.90 8.53
CA GLU B 42 -1.85 6.73 9.61
C GLU B 42 -1.34 8.06 9.06
N ALA B 43 -0.66 8.03 7.91
CA ALA B 43 -0.28 9.29 7.27
C ALA B 43 -1.50 10.14 6.97
N GLN B 44 -2.60 9.49 6.61
CA GLN B 44 -3.82 10.23 6.33
C GLN B 44 -4.44 10.79 7.60
N LYS B 45 -4.39 10.04 8.69
CA LYS B 45 -4.75 10.60 10.00
C LYS B 45 -3.95 11.86 10.30
N ASP B 46 -2.63 11.80 10.15
CA ASP B 46 -1.77 12.96 10.46
C ASP B 46 -2.14 14.16 9.59
N TYR B 47 -2.33 13.92 8.29
CA TYR B 47 -2.73 15.01 7.40
C TYR B 47 -4.04 15.64 7.87
N SER B 48 -5.07 14.80 8.08
CA SER B 48 -6.36 15.29 8.56
C SER B 48 -6.22 16.09 9.85
N GLU B 49 -5.29 15.71 10.71
CA GLU B 49 -5.10 16.42 11.96
C GLU B 49 -4.59 17.83 11.72
N ILE B 50 -3.54 17.95 10.88
CA ILE B 50 -3.03 19.27 10.54
C ILE B 50 -4.09 20.10 9.81
N GLU B 51 -4.90 19.46 8.97
CA GLU B 51 -5.98 20.18 8.28
C GLU B 51 -7.00 20.73 9.28
N GLY B 52 -7.37 19.94 10.29
CA GLY B 52 -8.23 20.46 11.33
C GLY B 52 -7.62 21.64 12.07
N LYS B 53 -6.31 21.57 12.30
CA LYS B 53 -5.61 22.65 12.97
C LYS B 53 -5.66 23.93 12.14
N LEU B 54 -5.46 23.80 10.82
CA LEU B 54 -5.54 24.96 9.93
C LEU B 54 -6.94 25.56 9.91
N GLU B 55 -7.97 24.71 9.83
CA GLU B 55 -9.33 25.23 9.83
C GLU B 55 -9.63 25.99 11.12
N GLN B 56 -9.16 25.45 12.26
CA GLN B 56 -9.36 26.17 13.50
C GLN B 56 -8.55 27.47 13.54
N PHE B 57 -7.35 27.47 12.93
CA PHE B 57 -6.55 28.71 12.89
C PHE B 57 -7.30 29.79 12.11
N TRP B 58 -7.81 29.46 10.93
CA TRP B 58 -8.53 30.47 10.16
C TRP B 58 -9.80 30.89 10.88
N HIS B 59 -10.46 29.95 11.58
CA HIS B 59 -11.65 30.32 12.32
C HIS B 59 -11.32 31.36 13.39
N ASP B 60 -10.23 31.11 14.15
CA ASP B 60 -9.81 32.03 15.20
C ASP B 60 -9.36 33.36 14.62
N TYR B 61 -8.70 33.32 13.45
CA TYR B 61 -8.16 34.52 12.82
C TYR B 61 -9.27 35.40 12.28
N ASP B 62 -10.18 34.83 11.50
CA ASP B 62 -11.31 35.61 11.02
C ASP B 62 -12.25 35.99 12.14
N LYS B 63 -12.20 35.31 13.29
CA LYS B 63 -13.00 35.78 14.42
C LYS B 63 -12.55 37.15 14.90
N LEU B 64 -11.26 37.47 14.76
CA LEU B 64 -10.79 38.80 15.12
C LEU B 64 -11.44 39.85 14.25
N GLU B 65 -11.37 39.71 12.92
CA GLU B 65 -12.03 40.67 12.04
C GLU B 65 -13.54 40.73 12.31
N LYS B 66 -14.18 39.56 12.46
CA LYS B 66 -15.62 39.54 12.68
C LYS B 66 -16.00 40.35 13.90
N GLU B 67 -15.33 40.11 15.03
CA GLU B 67 -15.69 40.85 16.23
C GLU B 67 -15.22 42.29 16.18
N ASN B 68 -14.19 42.60 15.41
CA ASN B 68 -13.75 43.99 15.27
C ASN B 68 -14.79 44.81 14.53
N LYS B 69 -15.44 44.24 13.52
CA LYS B 69 -16.56 44.88 12.86
C LYS B 69 -17.73 45.18 13.80
N GLU B 70 -17.84 44.49 14.93
CA GLU B 70 -18.93 44.71 15.87
C GLU B 70 -18.65 45.80 16.91
N TYR B 71 -17.48 46.43 16.86
CA TYR B 71 -17.03 47.28 17.96
C TYR B 71 -17.69 48.66 17.92
P PO4 C . -7.08 -15.45 -12.51
O1 PO4 C . -6.79 -14.60 -13.72
O2 PO4 C . -7.48 -14.57 -11.34
O3 PO4 C . -5.84 -16.23 -12.14
O4 PO4 C . -8.20 -16.41 -12.79
P PO4 D . 10.72 -19.07 1.19
O1 PO4 D . 11.29 -17.68 1.38
O2 PO4 D . 10.32 -19.64 2.53
O3 PO4 D . 11.78 -19.95 0.55
O4 PO4 D . 9.50 -18.99 0.31
#